data_2KUV
#
_entry.id   2KUV
#
_entity_poly.entity_id   1
_entity_poly.type   'polyribonucleotide'
_entity_poly.pdbx_seq_one_letter_code
;GGCUCGAUUGUAUUUUUAAAUUAAUUCUUAAAAACUACAAAUCGAGCC
;
_entity_poly.pdbx_strand_id   A
#